data_9J7N
#
_entry.id   9J7N
#
_cell.length_a   1.00
_cell.length_b   1.00
_cell.length_c   1.00
_cell.angle_alpha   90.00
_cell.angle_beta   90.00
_cell.angle_gamma   90.00
#
_symmetry.space_group_name_H-M   'P 1'
#
loop_
_entity.id
_entity.type
_entity.pdbx_description
1 polymer 'Sodium- and chloride-dependent taurine transporter'
2 non-polymer BETA-ALANINE
3 non-polymer HEXADECANE
4 non-polymer CHOLESTEROL
5 non-polymer 'CHLORIDE ION'
6 water water
#
_entity_poly.entity_id   1
_entity_poly.type   'polypeptide(L)'
_entity_poly.pdbx_seq_one_letter_code
;MATKEKLQCLKDFHKDILKPSPGKSPGTRPEDEAEGKPPQREKWSSKIDFVLSVAGGFVGLGNVWRFPYLCYKNGGGAFL
IPYFIFLFGSGLPVFFLEIIIGQYTSEGGITCWEKICPLFSGIGYASVVIVSLLNVYYIVILAWATYYLFQSFQKELPWA
HCNHSWNTPHCMEDTMRKNKSVWITISSTNFTSPVIEFWERNVLSLSPGIDHPGSLKWDLALCLLLVWLVCFFCIWKGVR
STGKVVYFTATFPFAMLLVLLVRGLTLPGAGAGIKFYLYPDITRLEDPQVWIDAGTQIFFSYAICLGAMTSLGSYNKYKY
NSYRDCMLLGCLNSGTSFVSGFAIFSILGFMAQEQGVDIADVAESGPGLAFIAYPKAVTMMPLPTFWSILFFIMLLLLGL
DSQFVEVEGQITSLVDLYPSFLRKGYRREIFIAFVCSISYLLGLTMVTEGGMYVFQLFDYYAASGVCLLWVAFFECFVIA
WIYGGDNLYDGIEDMIGYRPGPWMKYSWAVITPVLCVGCFIFSLVKYVPLTYNKTYVYPNWAIGLGWSLALSSMLCVPLV
IVIRLCQTEGPFLVRVKYLLTPREPNRWAVEREGATPYNSRTVMNGALVKPTHIIVETMM
;
_entity_poly.pdbx_strand_id   A
#
# COMPACT_ATOMS: atom_id res chain seq x y z
N ALA A 34 -6.58 22.94 31.97
CA ALA A 34 -7.98 22.92 31.47
C ALA A 34 -7.99 22.59 29.97
N GLU A 35 -7.32 23.41 29.16
CA GLU A 35 -7.27 23.18 27.69
C GLU A 35 -5.96 22.47 27.33
N GLY A 36 -4.85 22.84 27.98
CA GLY A 36 -3.56 22.17 27.73
C GLY A 36 -3.17 22.20 26.27
N LYS A 37 -3.47 23.30 25.57
CA LYS A 37 -3.11 23.43 24.13
C LYS A 37 -1.63 23.80 23.95
N PRO A 38 -1.03 24.75 24.71
CA PRO A 38 0.32 25.25 24.43
C PRO A 38 1.34 24.18 23.96
N PRO A 39 1.45 22.97 24.57
CA PRO A 39 2.36 21.95 24.08
C PRO A 39 2.23 21.78 22.56
N GLN A 40 1.01 21.89 22.02
CA GLN A 40 0.80 21.80 20.55
C GLN A 40 1.45 20.52 20.04
N ARG A 41 2.08 20.58 18.85
CA ARG A 41 2.75 19.39 18.27
C ARG A 41 4.26 19.64 18.23
N GLU A 42 5.03 18.86 19.01
CA GLU A 42 6.50 19.02 19.06
C GLU A 42 7.08 18.87 17.65
N LYS A 43 7.58 19.95 17.06
CA LYS A 43 8.18 19.90 15.70
C LYS A 43 9.37 18.93 15.67
N TRP A 44 9.76 18.48 14.48
CA TRP A 44 10.91 17.56 14.32
C TRP A 44 12.17 18.21 14.90
N SER A 45 13.07 17.41 15.48
CA SER A 45 14.36 17.97 15.98
C SER A 45 15.18 18.48 14.80
N SER A 46 15.23 17.72 13.70
CA SER A 46 15.98 18.13 12.49
C SER A 46 15.23 17.64 11.24
N LYS A 47 15.49 18.26 10.09
CA LYS A 47 14.79 17.88 8.83
C LYS A 47 15.12 16.43 8.51
N ILE A 48 16.25 15.93 9.01
CA ILE A 48 16.66 14.51 8.77
C ILE A 48 15.53 13.61 9.29
N ASP A 49 14.96 13.94 10.44
CA ASP A 49 13.89 13.09 11.03
C ASP A 49 12.71 13.01 10.05
N PHE A 50 12.34 14.16 9.45
CA PHE A 50 11.23 14.17 8.47
C PHE A 50 11.59 13.30 7.27
N VAL A 51 12.78 13.52 6.70
CA VAL A 51 13.20 12.76 5.49
C VAL A 51 13.18 11.26 5.81
N LEU A 52 13.72 10.87 6.96
CA LEU A 52 13.79 9.44 7.28
C LEU A 52 12.41 8.86 7.55
N SER A 53 11.56 9.60 8.27
CA SER A 53 10.22 9.12 8.56
C SER A 53 9.40 8.95 7.28
N VAL A 54 9.50 9.92 6.37
CA VAL A 54 8.75 9.83 5.12
C VAL A 54 9.26 8.68 4.26
N ALA A 55 10.59 8.54 4.17
CA ALA A 55 11.17 7.46 3.37
C ALA A 55 10.78 6.09 3.92
N GLY A 56 10.81 5.93 5.24
CA GLY A 56 10.34 4.68 5.82
C GLY A 56 8.85 4.50 5.73
N GLY A 57 8.10 5.59 5.59
CA GLY A 57 6.66 5.53 5.46
C GLY A 57 6.18 5.03 4.11
N PHE A 58 6.53 5.71 3.02
CA PHE A 58 5.97 5.32 1.73
C PHE A 58 6.91 4.48 0.87
N VAL A 59 8.03 4.01 1.41
CA VAL A 59 8.84 3.01 0.71
C VAL A 59 8.80 1.71 1.51
N GLY A 60 7.90 0.80 1.13
CA GLY A 60 7.71 -0.44 1.86
C GLY A 60 7.39 -1.58 0.94
N LEU A 61 6.45 -2.44 1.37
CA LEU A 61 6.12 -3.63 0.59
C LEU A 61 5.33 -3.29 -0.68
N GLY A 62 4.77 -2.09 -0.77
CA GLY A 62 4.04 -1.70 -1.97
C GLY A 62 4.91 -1.53 -3.19
N ASN A 63 6.22 -1.41 -3.00
CA ASN A 63 7.15 -1.26 -4.11
C ASN A 63 7.73 -2.59 -4.58
N VAL A 64 7.93 -3.55 -3.68
CA VAL A 64 8.60 -4.80 -4.00
C VAL A 64 7.66 -5.99 -4.00
N TRP A 65 6.40 -5.80 -3.64
CA TRP A 65 5.48 -6.95 -3.61
C TRP A 65 4.23 -6.73 -4.45
N ARG A 66 3.65 -5.53 -4.44
CA ARG A 66 2.39 -5.29 -5.12
C ARG A 66 2.59 -4.83 -6.56
N PHE A 67 3.59 -4.00 -6.82
CA PHE A 67 3.85 -3.54 -8.18
C PHE A 67 4.17 -4.67 -9.15
N PRO A 68 5.09 -5.60 -8.85
CA PRO A 68 5.40 -6.64 -9.85
C PRO A 68 4.21 -7.53 -10.19
N TYR A 69 3.40 -7.93 -9.20
CA TYR A 69 2.32 -8.86 -9.51
C TYR A 69 1.16 -8.15 -10.21
N LEU A 70 0.93 -6.87 -9.90
CA LEU A 70 -0.08 -6.12 -10.63
C LEU A 70 0.35 -5.86 -12.06
N CYS A 71 1.65 -5.60 -12.28
CA CYS A 71 2.14 -5.48 -13.64
C CYS A 71 2.04 -6.80 -14.39
N TYR A 72 2.34 -7.92 -13.72
CA TYR A 72 2.24 -9.23 -14.34
C TYR A 72 0.80 -9.57 -14.71
N LYS A 73 -0.15 -9.24 -13.82
CA LYS A 73 -1.54 -9.58 -14.07
C LYS A 73 -2.11 -8.86 -15.28
N ASN A 74 -1.80 -7.57 -15.43
CA ASN A 74 -2.35 -6.75 -16.50
C ASN A 74 -1.51 -6.85 -17.77
N GLY A 75 -1.34 -8.08 -18.23
CA GLY A 75 -0.61 -8.33 -19.46
C GLY A 75 0.89 -8.19 -19.31
N GLY A 76 1.34 -7.02 -18.87
CA GLY A 76 2.77 -6.76 -18.72
C GLY A 76 3.32 -5.95 -19.88
N GLY A 77 3.78 -4.73 -19.59
CA GLY A 77 4.32 -3.86 -20.62
C GLY A 77 3.38 -2.71 -20.95
N ALA A 78 2.08 -3.01 -21.05
CA ALA A 78 1.08 -1.95 -21.23
C ALA A 78 0.65 -1.32 -19.92
N PHE A 79 1.11 -1.87 -18.79
CA PHE A 79 0.79 -1.31 -17.48
C PHE A 79 1.53 -0.02 -17.21
N LEU A 80 2.59 0.28 -17.96
CA LEU A 80 3.45 1.41 -17.63
C LEU A 80 2.89 2.74 -18.15
N ILE A 81 2.21 2.74 -19.29
CA ILE A 81 1.71 4.00 -19.84
C ILE A 81 0.69 4.66 -18.91
N PRO A 82 -0.38 3.99 -18.48
CA PRO A 82 -1.25 4.61 -17.47
C PRO A 82 -0.53 4.86 -16.16
N TYR A 83 0.46 4.04 -15.82
CA TYR A 83 1.20 4.23 -14.58
C TYR A 83 1.91 5.58 -14.57
N PHE A 84 2.68 5.87 -15.62
CA PHE A 84 3.39 7.15 -15.69
C PHE A 84 2.43 8.31 -15.92
N ILE A 85 1.36 8.09 -16.70
CA ILE A 85 0.37 9.15 -16.90
C ILE A 85 -0.24 9.57 -15.58
N PHE A 86 -0.58 8.61 -14.72
CA PHE A 86 -1.10 8.95 -13.40
C PHE A 86 0.00 9.55 -12.52
N LEU A 87 1.22 9.01 -12.60
CA LEU A 87 2.29 9.47 -11.72
C LEU A 87 2.61 10.94 -11.93
N PHE A 88 2.67 11.36 -13.20
CA PHE A 88 3.04 12.74 -13.50
C PHE A 88 1.85 13.70 -13.51
N GLY A 89 0.63 13.20 -13.29
CA GLY A 89 -0.53 14.07 -13.31
C GLY A 89 -1.30 14.17 -12.01
N SER A 90 -1.31 13.09 -11.22
CA SER A 90 -2.11 13.06 -10.00
C SER A 90 -1.42 12.33 -8.85
N GLY A 91 -0.18 11.89 -9.01
CA GLY A 91 0.49 11.14 -7.96
C GLY A 91 1.32 12.00 -7.04
N LEU A 92 2.21 12.81 -7.61
CA LEU A 92 3.06 13.71 -6.85
C LEU A 92 2.32 14.97 -6.38
N PRO A 93 1.51 15.62 -7.24
CA PRO A 93 0.78 16.81 -6.75
C PRO A 93 -0.10 16.55 -5.55
N VAL A 94 -0.79 15.42 -5.48
CA VAL A 94 -1.67 15.16 -4.33
C VAL A 94 -0.85 14.90 -3.07
N PHE A 95 0.27 14.19 -3.20
CA PHE A 95 1.15 13.97 -2.05
C PHE A 95 1.69 15.29 -1.52
N PHE A 96 2.14 16.16 -2.43
CA PHE A 96 2.62 17.46 -1.99
C PHE A 96 1.50 18.29 -1.38
N LEU A 97 0.29 18.18 -1.93
CA LEU A 97 -0.85 18.91 -1.36
C LEU A 97 -1.14 18.45 0.06
N GLU A 98 -1.11 17.14 0.29
CA GLU A 98 -1.33 16.63 1.64
C GLU A 98 -0.25 17.12 2.61
N ILE A 99 1.01 17.06 2.18
CA ILE A 99 2.11 17.50 3.05
C ILE A 99 1.97 18.99 3.36
N ILE A 100 1.66 19.80 2.35
CA ILE A 100 1.61 21.24 2.54
C ILE A 100 0.39 21.62 3.38
N ILE A 101 -0.72 20.90 3.24
CA ILE A 101 -1.88 21.14 4.09
C ILE A 101 -1.54 20.82 5.55
N GLY A 102 -0.86 19.68 5.77
CA GLY A 102 -0.45 19.34 7.13
C GLY A 102 0.47 20.38 7.73
N GLN A 103 1.41 20.90 6.94
CA GLN A 103 2.33 21.91 7.44
C GLN A 103 1.63 23.25 7.66
N TYR A 104 0.60 23.54 6.87
CA TYR A 104 -0.10 24.82 6.96
C TYR A 104 -1.05 24.87 8.16
N THR A 105 -1.91 23.86 8.30
CA THR A 105 -2.90 23.88 9.38
C THR A 105 -2.32 23.48 10.72
N SER A 106 -1.14 22.86 10.75
CA SER A 106 -0.52 22.39 11.98
C SER A 106 -1.46 21.47 12.75
N GLU A 107 -2.13 20.58 12.03
CA GLU A 107 -3.08 19.66 12.63
C GLU A 107 -3.03 18.35 11.87
N GLY A 108 -3.60 17.31 12.48
CA GLY A 108 -3.56 15.98 11.91
C GLY A 108 -4.44 15.84 10.68
N GLY A 109 -4.61 14.59 10.27
CA GLY A 109 -5.37 14.25 9.09
C GLY A 109 -6.86 14.14 9.27
N ILE A 110 -7.37 14.37 10.48
CA ILE A 110 -8.81 14.29 10.75
C ILE A 110 -9.40 15.61 11.21
N THR A 111 -8.58 16.58 11.61
CA THR A 111 -9.07 17.86 12.10
C THR A 111 -8.66 19.03 11.22
N CYS A 112 -7.77 18.82 10.24
CA CYS A 112 -7.33 19.91 9.38
C CYS A 112 -8.46 20.43 8.51
N TRP A 113 -9.41 19.57 8.15
CA TRP A 113 -10.52 19.98 7.30
C TRP A 113 -11.50 20.90 8.01
N GLU A 114 -11.45 20.96 9.35
CA GLU A 114 -12.28 21.92 10.07
C GLU A 114 -11.84 23.34 9.81
N LYS A 115 -10.55 23.54 9.51
CA LYS A 115 -10.00 24.86 9.24
C LYS A 115 -9.94 25.18 7.76
N ILE A 116 -10.48 24.33 6.90
CA ILE A 116 -10.48 24.54 5.45
C ILE A 116 -11.89 24.53 4.88
N CYS A 117 -12.67 23.50 5.20
CA CYS A 117 -14.05 23.40 4.71
C CYS A 117 -14.81 22.49 5.66
N PRO A 118 -15.49 23.05 6.67
CA PRO A 118 -16.26 22.21 7.60
C PRO A 118 -17.35 21.40 6.93
N LEU A 119 -17.91 21.88 5.81
CA LEU A 119 -18.95 21.13 5.12
C LEU A 119 -18.43 19.78 4.64
N PHE A 120 -17.19 19.74 4.14
CA PHE A 120 -16.59 18.52 3.61
C PHE A 120 -15.64 17.88 4.62
N SER A 121 -15.99 17.92 5.90
CA SER A 121 -15.13 17.40 6.95
C SER A 121 -15.07 15.88 6.98
N GLY A 122 -15.90 15.19 6.20
CA GLY A 122 -15.92 13.74 6.23
C GLY A 122 -14.73 13.07 5.57
N ILE A 123 -13.88 13.85 4.90
CA ILE A 123 -12.71 13.26 4.24
C ILE A 123 -11.76 12.67 5.26
N GLY A 124 -11.60 13.34 6.41
CA GLY A 124 -10.76 12.79 7.47
C GLY A 124 -11.28 11.47 8.01
N TYR A 125 -12.59 11.39 8.23
CA TYR A 125 -13.17 10.12 8.70
C TYR A 125 -13.01 9.03 7.67
N ALA A 126 -13.20 9.36 6.38
CA ALA A 126 -13.01 8.36 5.33
C ALA A 126 -11.56 7.86 5.31
N SER A 127 -10.60 8.77 5.44
CA SER A 127 -9.20 8.38 5.47
C SER A 127 -8.89 7.50 6.67
N VAL A 128 -9.46 7.84 7.84
CA VAL A 128 -9.23 7.03 9.03
C VAL A 128 -9.79 5.63 8.84
N VAL A 129 -10.99 5.51 8.26
CA VAL A 129 -11.57 4.19 8.00
C VAL A 129 -10.69 3.42 7.02
N ILE A 130 -10.19 4.09 5.98
CA ILE A 130 -9.36 3.42 4.99
C ILE A 130 -8.09 2.88 5.62
N VAL A 131 -7.41 3.69 6.43
CA VAL A 131 -6.16 3.22 7.05
C VAL A 131 -6.44 2.12 8.07
N SER A 132 -7.57 2.21 8.79
CA SER A 132 -7.93 1.16 9.74
C SER A 132 -8.15 -0.16 9.03
N LEU A 133 -8.82 -0.13 7.87
CA LEU A 133 -9.03 -1.37 7.12
C LEU A 133 -7.74 -1.86 6.47
N LEU A 134 -6.83 -0.96 6.12
CA LEU A 134 -5.58 -1.38 5.50
C LEU A 134 -4.66 -2.06 6.51
N ASN A 135 -4.59 -1.53 7.73
CA ASN A 135 -3.69 -2.09 8.74
C ASN A 135 -4.07 -3.50 9.15
N VAL A 136 -5.33 -3.89 8.96
CA VAL A 136 -5.76 -5.24 9.34
C VAL A 136 -5.08 -6.29 8.46
N TYR A 137 -5.09 -6.06 7.14
CA TYR A 137 -4.57 -7.05 6.20
C TYR A 137 -3.16 -6.76 5.73
N TYR A 138 -2.55 -5.64 6.14
CA TYR A 138 -1.18 -5.39 5.71
C TYR A 138 -0.16 -6.23 6.46
N ILE A 139 -0.55 -6.94 7.52
CA ILE A 139 0.38 -7.67 8.36
C ILE A 139 0.50 -9.15 7.97
N VAL A 140 -0.48 -9.69 7.22
CA VAL A 140 -0.41 -11.09 6.83
C VAL A 140 0.80 -11.35 5.94
N ILE A 141 1.20 -10.37 5.13
CA ILE A 141 2.40 -10.53 4.30
C ILE A 141 3.62 -10.69 5.19
N LEU A 142 3.73 -9.88 6.25
CA LEU A 142 4.84 -10.04 7.18
C LEU A 142 4.77 -11.36 7.92
N ALA A 143 3.56 -11.85 8.21
CA ALA A 143 3.43 -13.16 8.83
C ALA A 143 3.96 -14.26 7.92
N TRP A 144 3.62 -14.20 6.63
CA TRP A 144 4.15 -15.16 5.67
C TRP A 144 5.67 -15.05 5.55
N ALA A 145 6.20 -13.82 5.56
CA ALA A 145 7.64 -13.63 5.50
C ALA A 145 8.32 -14.22 6.73
N THR A 146 7.73 -14.04 7.91
CA THR A 146 8.28 -14.63 9.12
C THR A 146 8.27 -16.14 9.06
N TYR A 147 7.18 -16.72 8.53
CA TYR A 147 7.13 -18.17 8.37
C TYR A 147 8.23 -18.66 7.44
N TYR A 148 8.43 -17.97 6.32
CA TYR A 148 9.48 -18.35 5.39
C TYR A 148 10.86 -18.24 6.03
N LEU A 149 11.09 -17.16 6.77
CA LEU A 149 12.39 -16.97 7.42
C LEU A 149 12.65 -18.06 8.45
N PHE A 150 11.62 -18.43 9.22
CA PHE A 150 11.79 -19.52 10.18
C PHE A 150 12.05 -20.84 9.46
N GLN A 151 11.38 -21.08 8.34
CA GLN A 151 11.57 -22.32 7.60
C GLN A 151 12.91 -22.36 6.87
N SER A 152 13.56 -21.23 6.68
CA SER A 152 14.82 -21.17 5.94
C SER A 152 16.05 -21.35 6.83
N PHE A 153 15.87 -21.58 8.12
CA PHE A 153 16.99 -21.72 9.05
C PHE A 153 17.60 -23.12 9.06
N GLN A 154 17.02 -24.08 8.34
CA GLN A 154 17.53 -25.44 8.36
C GLN A 154 18.66 -25.59 7.34
N LYS A 155 19.15 -26.83 7.20
CA LYS A 155 20.28 -27.10 6.31
C LYS A 155 19.92 -26.81 4.86
N GLU A 156 18.96 -27.53 4.32
CA GLU A 156 18.57 -27.41 2.92
C GLU A 156 17.19 -26.76 2.81
N LEU A 157 17.07 -25.84 1.86
CA LEU A 157 15.82 -25.12 1.69
C LEU A 157 14.71 -26.06 1.26
N PRO A 158 13.52 -25.99 1.87
CA PRO A 158 12.43 -26.89 1.45
C PRO A 158 12.00 -26.71 0.00
N TRP A 159 12.05 -25.49 -0.52
CA TRP A 159 11.59 -25.21 -1.88
C TRP A 159 12.72 -25.33 -2.89
N ALA A 160 13.42 -26.47 -2.85
CA ALA A 160 14.50 -26.72 -3.83
C ALA A 160 14.28 -28.11 -4.45
N HIS A 161 13.69 -29.03 -3.68
CA HIS A 161 13.45 -30.41 -4.18
C HIS A 161 11.98 -30.78 -3.89
N CYS A 162 11.44 -31.78 -4.60
CA CYS A 162 10.00 -32.09 -4.41
C CYS A 162 9.82 -33.55 -3.96
N ASN A 163 10.62 -34.00 -3.00
CA ASN A 163 10.47 -35.37 -2.45
C ASN A 163 9.92 -35.28 -1.02
N HIS A 164 9.31 -34.15 -0.66
CA HIS A 164 8.78 -33.95 0.71
C HIS A 164 7.35 -34.53 0.79
N SER A 165 6.78 -34.58 1.99
CA SER A 165 5.42 -35.17 2.18
C SER A 165 4.35 -34.30 1.51
N TRP A 166 4.43 -32.98 1.68
CA TRP A 166 3.38 -32.07 1.13
C TRP A 166 3.37 -32.08 -0.40
N ASN A 167 4.38 -32.68 -1.04
CA ASN A 167 4.48 -32.66 -2.52
C ASN A 167 3.48 -33.64 -3.14
N THR A 168 2.94 -33.30 -4.31
CA THR A 168 1.93 -34.16 -5.00
C THR A 168 2.61 -35.04 -6.04
N PRO A 169 1.96 -36.08 -6.59
CA PRO A 169 2.59 -36.99 -7.55
C PRO A 169 2.93 -36.32 -8.90
N HIS A 170 2.61 -35.03 -9.06
CA HIS A 170 2.85 -34.33 -10.35
C HIS A 170 4.13 -33.50 -10.29
N CYS A 171 4.66 -33.26 -9.08
CA CYS A 171 5.85 -32.38 -8.95
C CYS A 171 7.01 -32.95 -9.79
N MET A 172 7.66 -32.12 -10.59
CA MET A 172 8.84 -32.57 -11.37
C MET A 172 9.92 -31.48 -11.30
N GLU A 173 11.16 -31.86 -10.99
CA GLU A 173 12.24 -30.86 -10.85
C GLU A 173 12.30 -30.01 -12.12
N ASP A 174 12.31 -28.68 -11.97
CA ASP A 174 12.26 -27.77 -13.15
C ASP A 174 13.42 -28.08 -14.10
N THR A 175 14.50 -28.66 -13.59
CA THR A 175 15.67 -29.02 -14.44
C THR A 175 15.27 -30.08 -15.46
N MET A 176 14.40 -31.02 -15.08
CA MET A 176 14.05 -32.14 -15.99
C MET A 176 12.74 -31.87 -16.74
N ARG A 177 12.04 -30.77 -16.43
CA ARG A 177 10.73 -30.52 -17.06
C ARG A 177 10.88 -30.50 -18.59
N LYS A 178 11.79 -29.67 -19.10
CA LYS A 178 11.97 -29.54 -20.57
C LYS A 178 12.48 -30.86 -21.16
N ASN A 179 13.44 -31.50 -20.49
CA ASN A 179 14.06 -32.73 -21.05
C ASN A 179 12.97 -33.78 -21.30
N LYS A 180 11.98 -33.89 -20.41
CA LYS A 180 10.93 -34.92 -20.55
C LYS A 180 9.89 -34.47 -21.58
N SER A 181 9.08 -33.46 -21.23
CA SER A 181 8.02 -32.97 -22.10
C SER A 181 8.06 -31.45 -22.20
N THR A 189 -1.16 -34.08 -17.98
CA THR A 189 -0.11 -34.16 -16.98
C THR A 189 -0.10 -32.93 -16.08
N ASN A 190 0.31 -31.79 -16.65
CA ASN A 190 0.34 -30.50 -15.94
C ASN A 190 1.21 -30.59 -14.68
N PHE A 191 2.51 -30.80 -14.91
CA PHE A 191 3.45 -30.85 -13.81
C PHE A 191 3.54 -29.50 -13.12
N THR A 192 3.84 -29.53 -11.81
CA THR A 192 3.92 -28.28 -11.02
C THR A 192 5.31 -28.17 -10.37
N SER A 193 5.91 -26.98 -10.38
CA SER A 193 7.28 -26.79 -9.83
C SER A 193 7.24 -26.92 -8.30
N PRO A 194 8.33 -27.39 -7.65
CA PRO A 194 8.37 -27.52 -6.19
C PRO A 194 8.10 -26.18 -5.50
N VAL A 195 8.57 -25.07 -6.06
CA VAL A 195 8.41 -23.73 -5.40
C VAL A 195 6.91 -23.44 -5.24
N ILE A 196 6.11 -23.67 -6.29
CA ILE A 196 4.65 -23.39 -6.23
C ILE A 196 3.99 -24.44 -5.34
N GLU A 197 4.32 -25.71 -5.54
CA GLU A 197 3.77 -26.79 -4.66
C GLU A 197 3.99 -26.38 -3.20
N PHE A 198 5.19 -25.91 -2.84
CA PHE A 198 5.46 -25.50 -1.48
C PHE A 198 4.57 -24.33 -1.08
N TRP A 199 4.52 -23.29 -1.92
CA TRP A 199 3.76 -22.09 -1.57
C TRP A 199 2.28 -22.40 -1.38
N GLU A 200 1.72 -23.25 -2.24
CA GLU A 200 0.28 -23.52 -2.21
C GLU A 200 -0.12 -24.75 -1.41
N ARG A 201 0.84 -25.46 -0.80
CA ARG A 201 0.49 -26.62 0.00
C ARG A 201 1.10 -26.67 1.38
N ASN A 202 2.06 -25.79 1.71
CA ASN A 202 2.61 -25.76 3.06
C ASN A 202 2.31 -24.44 3.76
N VAL A 203 2.66 -23.31 3.17
CA VAL A 203 2.36 -22.02 3.78
C VAL A 203 0.86 -21.74 3.72
N LEU A 204 0.23 -22.02 2.57
CA LEU A 204 -1.17 -21.67 2.35
C LEU A 204 -2.11 -22.81 2.70
N SER A 205 -1.91 -23.98 2.09
CA SER A 205 -2.82 -25.11 2.20
C SER A 205 -4.24 -24.71 1.76
N LEU A 206 -4.34 -24.34 0.49
CA LEU A 206 -5.57 -23.76 -0.05
C LEU A 206 -6.72 -24.75 -0.02
N SER A 207 -7.93 -24.22 0.09
CA SER A 207 -9.18 -24.96 0.08
C SER A 207 -9.98 -24.63 -1.18
N PRO A 208 -10.86 -25.53 -1.63
CA PRO A 208 -11.59 -25.29 -2.88
C PRO A 208 -12.66 -24.20 -2.74
N GLY A 209 -12.24 -22.95 -2.64
CA GLY A 209 -13.15 -21.82 -2.66
C GLY A 209 -13.28 -21.17 -1.29
N ILE A 210 -13.95 -20.01 -1.29
CA ILE A 210 -14.21 -19.28 -0.06
C ILE A 210 -15.36 -19.86 0.73
N ASP A 211 -16.15 -20.75 0.12
CA ASP A 211 -17.23 -21.40 0.87
C ASP A 211 -16.69 -22.31 1.97
N HIS A 212 -15.48 -22.82 1.80
CA HIS A 212 -14.87 -23.72 2.78
C HIS A 212 -13.77 -22.99 3.53
N PRO A 213 -13.97 -22.68 4.82
CA PRO A 213 -12.91 -22.03 5.58
C PRO A 213 -11.91 -22.99 6.20
N GLY A 214 -12.14 -24.29 6.10
CA GLY A 214 -11.19 -25.26 6.64
C GLY A 214 -11.03 -25.11 8.14
N SER A 215 -9.78 -25.10 8.59
CA SER A 215 -9.46 -24.96 10.00
C SER A 215 -8.33 -23.95 10.16
N LEU A 216 -8.27 -23.36 11.35
CA LEU A 216 -7.29 -22.31 11.61
C LEU A 216 -5.89 -22.89 11.66
N LYS A 217 -4.96 -22.24 10.95
CA LYS A 217 -3.56 -22.61 11.01
C LYS A 217 -2.91 -21.95 12.21
N TRP A 218 -2.21 -22.75 13.03
CA TRP A 218 -1.69 -22.25 14.28
C TRP A 218 -0.31 -21.63 14.17
N ASP A 219 0.54 -22.15 13.28
CA ASP A 219 1.86 -21.55 13.09
C ASP A 219 1.74 -20.15 12.52
N LEU A 220 0.85 -19.96 11.53
CA LEU A 220 0.64 -18.64 10.98
C LEU A 220 0.02 -17.69 12.01
N ALA A 221 -0.87 -18.21 12.86
CA ALA A 221 -1.43 -17.39 13.93
C ALA A 221 -0.34 -16.96 14.91
N LEU A 222 0.58 -17.87 15.24
CA LEU A 222 1.68 -17.50 16.14
C LEU A 222 2.60 -16.47 15.49
N CYS A 223 2.87 -16.60 14.20
CA CYS A 223 3.68 -15.59 13.51
C CYS A 223 2.97 -14.24 13.49
N LEU A 224 1.66 -14.24 13.26
CA LEU A 224 0.89 -13.00 13.30
C LEU A 224 0.96 -12.35 14.67
N LEU A 225 0.82 -13.17 15.73
CA LEU A 225 0.91 -12.65 17.09
C LEU A 225 2.29 -12.08 17.38
N LEU A 226 3.34 -12.75 16.91
CA LEU A 226 4.70 -12.25 17.13
C LEU A 226 4.91 -10.91 16.44
N VAL A 227 4.45 -10.79 15.19
CA VAL A 227 4.61 -9.53 14.47
C VAL A 227 3.83 -8.42 15.16
N TRP A 228 2.60 -8.71 15.58
CA TRP A 228 1.80 -7.68 16.25
C TRP A 228 2.41 -7.28 17.59
N LEU A 229 2.97 -8.24 18.32
CA LEU A 229 3.64 -7.92 19.58
C LEU A 229 4.85 -7.03 19.35
N VAL A 230 5.65 -7.33 18.33
CA VAL A 230 6.80 -6.49 18.00
C VAL A 230 6.35 -5.08 17.65
N CYS A 231 5.29 -4.97 16.83
CA CYS A 231 4.79 -3.66 16.44
C CYS A 231 4.28 -2.88 17.65
N PHE A 232 3.53 -3.54 18.55
CA PHE A 232 3.00 -2.86 19.73
C PHE A 232 4.12 -2.39 20.65
N PHE A 233 5.13 -3.24 20.87
CA PHE A 233 6.22 -2.85 21.74
C PHE A 233 7.08 -1.74 21.13
N CYS A 234 7.18 -1.71 19.80
CA CYS A 234 7.92 -0.62 19.16
C CYS A 234 7.15 0.69 19.27
N ILE A 235 5.83 0.66 19.04
CA ILE A 235 5.04 1.88 19.11
C ILE A 235 4.91 2.38 20.54
N TRP A 236 4.78 1.45 21.50
CA TRP A 236 4.57 1.82 22.90
C TRP A 236 5.69 2.72 23.40
N LYS A 237 6.92 2.21 23.45
CA LYS A 237 8.07 2.96 23.91
C LYS A 237 9.15 2.94 22.84
N GLY A 238 9.58 4.12 22.41
CA GLY A 238 10.61 4.23 21.40
C GLY A 238 10.14 4.36 19.97
N VAL A 239 11.01 4.80 19.07
CA VAL A 239 10.64 4.93 17.67
C VAL A 239 11.15 3.75 16.85
N GLY A 243 19.40 6.08 16.63
CA GLY A 243 20.63 6.84 16.48
C GLY A 243 21.53 6.30 15.40
N LYS A 244 22.12 5.13 15.64
CA LYS A 244 23.02 4.48 14.69
C LYS A 244 22.36 3.34 13.95
N VAL A 245 21.34 2.71 14.52
CA VAL A 245 20.63 1.65 13.81
C VAL A 245 19.68 2.20 12.76
N VAL A 246 19.31 3.48 12.85
CA VAL A 246 18.47 4.09 11.83
C VAL A 246 19.26 4.34 10.54
N TYR A 247 20.59 4.38 10.63
CA TYR A 247 21.42 4.45 9.44
C TYR A 247 21.65 3.08 8.80
N PHE A 248 21.35 2.00 9.52
CA PHE A 248 21.46 0.65 9.00
C PHE A 248 20.13 0.10 8.50
N THR A 249 19.02 0.52 9.11
CA THR A 249 17.72 0.08 8.64
C THR A 249 17.41 0.63 7.26
N ALA A 250 17.83 1.85 6.97
CA ALA A 250 17.50 2.53 5.73
C ALA A 250 18.50 2.28 4.61
N THR A 251 19.51 1.43 4.82
CA THR A 251 20.52 1.16 3.81
C THR A 251 20.61 -0.30 3.41
N PHE A 252 20.32 -1.23 4.32
CA PHE A 252 20.39 -2.65 3.99
C PHE A 252 19.43 -3.07 2.87
N PRO A 253 18.14 -2.68 2.89
CA PRO A 253 17.25 -3.14 1.80
C PRO A 253 17.71 -2.73 0.42
N PHE A 254 18.28 -1.53 0.25
CA PHE A 254 18.72 -1.11 -1.07
C PHE A 254 19.90 -1.92 -1.55
N ALA A 255 20.85 -2.23 -0.65
CA ALA A 255 21.98 -3.08 -1.03
C ALA A 255 21.51 -4.47 -1.41
N MET A 256 20.57 -5.04 -0.64
CA MET A 256 20.04 -6.35 -0.96
C MET A 256 19.32 -6.33 -2.31
N LEU A 257 18.57 -5.26 -2.59
CA LEU A 257 17.90 -5.13 -3.87
C LEU A 257 18.90 -5.03 -5.01
N LEU A 258 20.00 -4.31 -4.81
CA LEU A 258 21.04 -4.23 -5.84
C LEU A 258 21.65 -5.60 -6.11
N VAL A 259 21.91 -6.37 -5.05
CA VAL A 259 22.46 -7.70 -5.22
C VAL A 259 21.49 -8.58 -5.99
N LEU A 260 20.21 -8.52 -5.64
CA LEU A 260 19.20 -9.31 -6.35
C LEU A 260 19.11 -8.89 -7.82
N LEU A 261 19.20 -7.59 -8.10
CA LEU A 261 19.15 -7.11 -9.47
C LEU A 261 20.35 -7.62 -10.27
N VAL A 262 21.54 -7.61 -9.67
CA VAL A 262 22.72 -8.11 -10.36
C VAL A 262 22.57 -9.59 -10.68
N ARG A 263 22.10 -10.38 -9.71
CA ARG A 263 21.91 -11.80 -9.96
C ARG A 263 20.87 -12.02 -11.05
N GLY A 264 19.75 -11.29 -10.99
CA GLY A 264 18.71 -11.46 -11.98
C GLY A 264 19.17 -11.12 -13.39
N LEU A 265 19.92 -10.03 -13.53
CA LEU A 265 20.43 -9.66 -14.84
C LEU A 265 21.48 -10.65 -15.34
N THR A 266 22.27 -11.23 -14.44
CA THR A 266 23.30 -12.17 -14.87
C THR A 266 22.69 -13.46 -15.41
N LEU A 267 21.50 -13.83 -14.96
CA LEU A 267 20.92 -15.12 -15.33
C LEU A 267 20.64 -15.19 -16.83
N PRO A 268 20.76 -16.37 -17.43
CA PRO A 268 20.44 -16.51 -18.85
C PRO A 268 18.96 -16.33 -19.12
N GLY A 269 18.64 -15.92 -20.34
CA GLY A 269 17.26 -15.72 -20.74
C GLY A 269 16.61 -14.46 -20.22
N ALA A 270 17.37 -13.56 -19.60
CA ALA A 270 16.81 -12.33 -19.06
C ALA A 270 16.32 -11.38 -20.14
N GLY A 271 16.85 -11.49 -21.36
CA GLY A 271 16.45 -10.59 -22.42
C GLY A 271 14.98 -10.70 -22.77
N ALA A 272 14.47 -11.94 -22.85
CA ALA A 272 13.06 -12.15 -23.14
C ALA A 272 12.18 -11.56 -22.03
N GLY A 273 12.58 -11.76 -20.77
CA GLY A 273 11.83 -11.19 -19.67
C GLY A 273 11.80 -9.67 -19.70
N ILE A 274 12.95 -9.05 -20.00
CA ILE A 274 13.00 -7.60 -20.07
C ILE A 274 12.15 -7.08 -21.22
N LYS A 275 12.20 -7.76 -22.37
CA LYS A 275 11.39 -7.36 -23.51
C LYS A 275 9.90 -7.48 -23.18
N PHE A 276 9.51 -8.56 -22.51
CA PHE A 276 8.12 -8.71 -22.08
C PHE A 276 7.72 -7.62 -21.08
N TYR A 277 8.65 -7.21 -20.23
CA TYR A 277 8.35 -6.21 -19.22
C TYR A 277 8.20 -4.81 -19.83
N LEU A 278 9.01 -4.49 -20.85
CA LEU A 278 9.08 -3.12 -21.33
C LEU A 278 8.17 -2.85 -22.53
N TYR A 279 8.17 -3.74 -23.52
CA TYR A 279 7.44 -3.49 -24.75
C TYR A 279 5.94 -3.56 -24.51
N PRO A 280 5.19 -2.51 -24.81
CA PRO A 280 3.76 -2.50 -24.49
C PRO A 280 2.89 -3.14 -25.56
N ASP A 281 1.68 -3.49 -25.15
CA ASP A 281 0.65 -4.03 -26.03
C ASP A 281 -0.47 -3.00 -26.13
N ILE A 282 -0.57 -2.33 -27.28
CA ILE A 282 -1.49 -1.21 -27.41
C ILE A 282 -2.95 -1.66 -27.43
N THR A 283 -3.22 -2.95 -27.66
CA THR A 283 -4.58 -3.42 -27.74
C THR A 283 -5.22 -3.67 -26.37
N ARG A 284 -4.46 -3.56 -25.30
CA ARG A 284 -4.99 -3.79 -23.96
C ARG A 284 -5.48 -2.51 -23.28
N LEU A 285 -5.13 -1.34 -23.82
CA LEU A 285 -5.51 -0.08 -23.18
C LEU A 285 -7.01 0.22 -23.31
N GLU A 286 -7.74 -0.56 -24.10
CA GLU A 286 -9.18 -0.38 -24.24
C GLU A 286 -9.97 -1.09 -23.14
N ASP A 287 -9.32 -1.47 -22.04
CA ASP A 287 -9.96 -2.15 -20.94
C ASP A 287 -9.83 -1.31 -19.67
N PRO A 288 -10.90 -1.15 -18.90
CA PRO A 288 -10.80 -0.33 -17.68
C PRO A 288 -9.88 -0.90 -16.62
N GLN A 289 -9.56 -2.19 -16.68
CA GLN A 289 -8.75 -2.82 -15.64
C GLN A 289 -7.35 -2.20 -15.57
N VAL A 290 -6.74 -1.94 -16.73
CA VAL A 290 -5.38 -1.42 -16.75
C VAL A 290 -5.32 -0.07 -16.05
N TRP A 291 -6.24 0.83 -16.38
CA TRP A 291 -6.23 2.17 -15.79
C TRP A 291 -6.59 2.12 -14.32
N ILE A 292 -7.64 1.36 -13.98
CA ILE A 292 -8.08 1.28 -12.59
C ILE A 292 -7.05 0.60 -11.71
N ASP A 293 -6.15 -0.18 -12.30
CA ASP A 293 -5.05 -0.77 -11.55
C ASP A 293 -3.86 0.18 -11.44
N ALA A 294 -3.47 0.81 -12.54
CA ALA A 294 -2.30 1.68 -12.52
C ALA A 294 -2.52 2.91 -11.63
N GLY A 295 -3.65 3.59 -11.79
CA GLY A 295 -3.90 4.76 -10.97
C GLY A 295 -4.03 4.42 -9.50
N THR A 296 -4.74 3.33 -9.20
CA THR A 296 -4.90 2.90 -7.81
C THR A 296 -3.56 2.50 -7.19
N GLN A 297 -2.70 1.82 -7.97
CA GLN A 297 -1.38 1.46 -7.46
C GLN A 297 -0.53 2.70 -7.21
N ILE A 298 -0.62 3.70 -8.09
CA ILE A 298 0.12 4.93 -7.86
C ILE A 298 -0.36 5.61 -6.58
N PHE A 299 -1.67 5.65 -6.37
CA PHE A 299 -2.20 6.27 -5.16
C PHE A 299 -1.80 5.48 -3.92
N PHE A 300 -1.80 4.14 -4.01
CA PHE A 300 -1.48 3.29 -2.87
C PHE A 300 -0.01 3.40 -2.48
N SER A 301 0.89 3.41 -3.48
CA SER A 301 2.32 3.39 -3.19
C SER A 301 2.80 4.69 -2.55
N TYR A 302 2.09 5.79 -2.75
CA TYR A 302 2.47 7.07 -2.17
C TYR A 302 1.82 7.34 -0.82
N ALA A 303 1.02 6.40 -0.32
CA ALA A 303 0.38 6.50 1.00
C ALA A 303 -0.44 7.78 1.13
N ILE A 304 -1.16 8.13 0.08
CA ILE A 304 -2.03 9.28 0.09
C ILE A 304 -3.46 8.82 0.37
N CYS A 305 -4.33 9.78 0.72
CA CYS A 305 -5.71 9.50 1.10
C CYS A 305 -5.79 8.57 2.30
N LEU A 306 -4.79 8.63 3.18
CA LEU A 306 -4.74 7.81 4.37
C LEU A 306 -4.65 8.60 5.67
N GLY A 307 -4.38 9.90 5.60
CA GLY A 307 -4.23 10.70 6.80
C GLY A 307 -2.87 10.59 7.46
N ALA A 308 -1.94 9.84 6.88
CA ALA A 308 -0.61 9.70 7.45
C ALA A 308 0.35 10.78 6.97
N MET A 309 0.30 11.13 5.68
CA MET A 309 1.17 12.18 5.16
C MET A 309 0.85 13.52 5.81
N THR A 310 -0.44 13.81 6.02
CA THR A 310 -0.82 15.04 6.69
C THR A 310 -0.28 15.08 8.12
N SER A 311 -0.38 13.96 8.84
CA SER A 311 0.15 13.90 10.20
C SER A 311 1.66 14.08 10.21
N LEU A 312 2.35 13.46 9.26
CA LEU A 312 3.80 13.62 9.18
C LEU A 312 4.19 15.06 8.89
N GLY A 313 3.48 15.72 7.97
CA GLY A 313 3.77 17.11 7.64
C GLY A 313 3.36 18.09 8.71
N SER A 314 2.43 17.70 9.59
CA SER A 314 2.00 18.58 10.67
C SER A 314 3.14 18.93 11.63
N TYR A 315 4.17 18.08 11.71
CA TYR A 315 5.29 18.34 12.61
C TYR A 315 6.36 19.22 11.99
N ASN A 316 6.27 19.53 10.70
CA ASN A 316 7.27 20.35 10.05
C ASN A 316 7.19 21.80 10.52
N LYS A 317 8.28 22.53 10.32
CA LYS A 317 8.31 23.94 10.66
C LYS A 317 7.51 24.76 9.66
N TYR A 318 7.07 25.94 10.09
CA TYR A 318 6.26 26.80 9.23
C TYR A 318 7.07 27.43 8.10
N LYS A 319 8.39 27.43 8.20
CA LYS A 319 9.26 28.06 7.21
C LYS A 319 10.27 27.06 6.67
N TYR A 320 9.79 25.87 6.30
CA TYR A 320 10.63 24.79 5.82
C TYR A 320 10.34 24.54 4.34
N ASN A 321 11.39 24.48 3.54
CA ASN A 321 11.28 24.29 2.09
C ASN A 321 11.05 22.80 1.82
N SER A 322 9.78 22.40 1.87
CA SER A 322 9.41 21.00 1.68
C SER A 322 9.23 20.61 0.22
N TYR A 323 9.22 21.57 -0.71
CA TYR A 323 8.97 21.27 -2.10
C TYR A 323 10.07 20.38 -2.69
N ARG A 324 11.32 20.79 -2.53
CA ARG A 324 12.43 20.02 -3.08
C ARG A 324 12.53 18.64 -2.43
N ASP A 325 12.37 18.59 -1.11
CA ASP A 325 12.46 17.30 -0.41
C ASP A 325 11.35 16.36 -0.85
N CYS A 326 10.12 16.87 -1.00
CA CYS A 326 9.02 16.02 -1.46
C CYS A 326 9.27 15.53 -2.88
N MET A 327 9.76 16.41 -3.77
CA MET A 327 10.04 15.98 -5.14
C MET A 327 11.12 14.91 -5.16
N LEU A 328 12.18 15.08 -4.38
CA LEU A 328 13.26 14.10 -4.37
C LEU A 328 12.79 12.77 -3.78
N LEU A 329 11.98 12.80 -2.73
CA LEU A 329 11.48 11.56 -2.14
C LEU A 329 10.55 10.83 -3.12
N GLY A 330 9.69 11.57 -3.83
CA GLY A 330 8.86 10.94 -4.85
C GLY A 330 9.69 10.32 -5.97
N CYS A 331 10.74 11.03 -6.39
CA CYS A 331 11.64 10.47 -7.39
C CYS A 331 12.29 9.19 -6.89
N LEU A 332 12.72 9.17 -5.63
CA LEU A 332 13.33 7.98 -5.06
C LEU A 332 12.34 6.81 -5.04
N ASN A 333 11.10 7.07 -4.65
CA ASN A 333 10.10 6.01 -4.60
C ASN A 333 9.83 5.45 -5.99
N SER A 334 9.62 6.33 -6.97
CA SER A 334 9.36 5.87 -8.34
C SER A 334 10.55 5.12 -8.90
N GLY A 335 11.76 5.61 -8.64
CA GLY A 335 12.95 4.93 -9.12
C GLY A 335 13.13 3.56 -8.51
N THR A 336 12.87 3.43 -7.21
CA THR A 336 12.95 2.12 -6.57
C THR A 336 11.94 1.16 -7.16
N SER A 337 10.67 1.57 -7.30
CA SER A 337 9.67 0.58 -7.77
C SER A 337 10.02 0.08 -9.18
N PHE A 338 10.53 0.95 -10.06
CA PHE A 338 10.81 0.58 -11.46
C PHE A 338 12.01 -0.36 -11.59
N VAL A 339 13.14 -0.03 -10.92
CA VAL A 339 14.39 -0.83 -11.07
C VAL A 339 14.14 -2.26 -10.58
N SER A 340 13.44 -2.42 -9.45
CA SER A 340 13.20 -3.77 -8.87
C SER A 340 12.52 -4.66 -9.91
N GLY A 341 11.59 -4.11 -10.69
CA GLY A 341 10.85 -4.90 -11.70
C GLY A 341 11.79 -5.60 -12.65
N PHE A 342 12.91 -4.97 -13.00
CA PHE A 342 13.91 -5.60 -13.91
C PHE A 342 14.39 -6.91 -13.30
N ALA A 343 14.64 -6.92 -11.98
CA ALA A 343 15.10 -8.16 -11.30
C ALA A 343 14.03 -9.24 -11.41
N ILE A 344 12.77 -8.92 -11.09
CA ILE A 344 11.68 -9.93 -11.09
C ILE A 344 11.46 -10.45 -12.53
N PHE A 345 11.42 -9.56 -13.52
CA PHE A 345 11.05 -10.00 -14.89
C PHE A 345 12.20 -10.80 -15.53
N SER A 346 13.44 -10.53 -15.16
CA SER A 346 14.54 -11.36 -15.65
C SER A 346 14.48 -12.76 -15.04
N ILE A 347 14.15 -12.86 -13.75
CA ILE A 347 13.99 -14.16 -13.12
C ILE A 347 12.84 -14.91 -13.77
N LEU A 348 11.73 -14.21 -14.04
CA LEU A 348 10.59 -14.85 -14.70
C LEU A 348 10.94 -15.34 -16.09
N GLY A 349 11.71 -14.54 -16.85
CA GLY A 349 12.14 -14.97 -18.17
C GLY A 349 13.04 -16.18 -18.11
N PHE A 350 13.97 -16.21 -17.15
CA PHE A 350 14.82 -17.38 -16.98
C PHE A 350 14.01 -18.62 -16.63
N MET A 351 13.02 -18.46 -15.74
CA MET A 351 12.16 -19.58 -15.38
C MET A 351 11.39 -20.09 -16.59
N ALA A 352 10.84 -19.18 -17.39
CA ALA A 352 10.11 -19.58 -18.59
C ALA A 352 11.00 -20.31 -19.58
N GLN A 353 12.22 -19.81 -19.78
CA GLN A 353 13.15 -20.48 -20.69
C GLN A 353 13.54 -21.85 -20.17
N GLU A 354 13.77 -21.97 -18.86
CA GLU A 354 14.20 -23.25 -18.31
C GLU A 354 13.09 -24.29 -18.35
N GLN A 355 11.88 -23.91 -17.93
CA GLN A 355 10.79 -24.89 -17.89
C GLN A 355 10.25 -25.20 -19.28
N GLY A 356 10.27 -24.22 -20.19
CA GLY A 356 9.73 -24.40 -21.52
C GLY A 356 8.37 -23.79 -21.74
N VAL A 357 7.65 -23.43 -20.67
CA VAL A 357 6.34 -22.81 -20.79
C VAL A 357 6.50 -21.33 -21.08
N ASP A 358 5.42 -20.66 -21.47
CA ASP A 358 5.48 -19.25 -21.79
C ASP A 358 5.68 -18.41 -20.53
N ILE A 359 6.09 -17.16 -20.74
CA ILE A 359 6.38 -16.26 -19.63
C ILE A 359 5.13 -15.84 -18.87
N ALA A 360 3.95 -16.06 -19.43
CA ALA A 360 2.71 -15.70 -18.77
C ALA A 360 2.11 -16.84 -17.95
N ASP A 361 2.77 -17.99 -17.90
CA ASP A 361 2.27 -19.15 -17.17
C ASP A 361 3.39 -19.78 -16.35
N VAL A 362 4.13 -18.97 -15.60
CA VAL A 362 5.24 -19.44 -14.80
C VAL A 362 5.04 -19.21 -13.31
N ALA A 363 4.00 -18.50 -12.89
CA ALA A 363 3.80 -18.22 -11.48
C ALA A 363 2.31 -18.12 -11.20
N GLU A 364 1.98 -17.60 -10.01
CA GLU A 364 0.58 -17.54 -9.60
C GLU A 364 -0.19 -16.44 -10.32
N SER A 365 0.46 -15.33 -10.67
CA SER A 365 -0.28 -14.18 -11.27
C SER A 365 -1.24 -13.65 -10.21
N GLY A 366 -0.83 -13.66 -8.95
CA GLY A 366 -1.66 -13.16 -7.89
C GLY A 366 -0.83 -12.57 -6.77
N PRO A 367 -1.35 -12.62 -5.54
CA PRO A 367 -0.65 -11.99 -4.42
C PRO A 367 0.58 -12.76 -3.96
N GLY A 368 0.97 -13.81 -4.68
CA GLY A 368 2.11 -14.61 -4.30
C GLY A 368 3.18 -14.72 -5.35
N LEU A 369 3.39 -13.66 -6.13
CA LEU A 369 4.45 -13.67 -7.13
C LEU A 369 5.82 -13.46 -6.50
N ALA A 370 5.89 -12.64 -5.45
CA ALA A 370 7.16 -12.36 -4.79
C ALA A 370 7.65 -13.55 -3.96
N PHE A 371 6.77 -14.48 -3.60
CA PHE A 371 7.14 -15.68 -2.87
C PHE A 371 7.40 -16.86 -3.80
N ILE A 372 7.38 -16.64 -5.11
CA ILE A 372 7.63 -17.70 -6.08
C ILE A 372 8.81 -17.29 -6.96
N ALA A 373 9.02 -15.98 -7.11
CA ALA A 373 10.11 -15.51 -7.96
C ALA A 373 11.43 -15.41 -7.20
N TYR A 374 11.47 -14.61 -6.14
CA TYR A 374 12.71 -14.42 -5.39
C TYR A 374 13.23 -15.70 -4.74
N PRO A 375 12.42 -16.53 -4.08
CA PRO A 375 12.96 -17.77 -3.51
C PRO A 375 13.57 -18.70 -4.54
N LYS A 376 13.08 -18.69 -5.79
CA LYS A 376 13.69 -19.50 -6.82
C LYS A 376 15.07 -18.97 -7.22
N ALA A 377 15.21 -17.64 -7.29
CA ALA A 377 16.50 -17.05 -7.64
C ALA A 377 17.50 -17.22 -6.51
N VAL A 378 17.04 -17.28 -5.26
CA VAL A 378 17.95 -17.47 -4.13
C VAL A 378 18.63 -18.82 -4.23
N THR A 379 17.93 -19.84 -4.75
CA THR A 379 18.47 -21.19 -4.82
C THR A 379 19.72 -21.25 -5.69
N MET A 380 19.71 -20.55 -6.82
CA MET A 380 20.85 -20.59 -7.73
C MET A 380 22.08 -19.89 -7.17
N MET A 381 21.91 -18.99 -6.20
CA MET A 381 23.03 -18.28 -5.63
C MET A 381 23.87 -19.21 -4.75
N PRO A 382 25.19 -18.99 -4.68
CA PRO A 382 26.02 -19.75 -3.74
C PRO A 382 25.62 -19.44 -2.30
N LEU A 383 25.69 -20.47 -1.46
CA LEU A 383 25.24 -20.39 -0.06
C LEU A 383 23.82 -19.85 0.00
N PRO A 384 22.82 -20.63 -0.44
CA PRO A 384 21.45 -20.10 -0.53
C PRO A 384 20.86 -19.66 0.81
N THR A 385 21.22 -20.34 1.91
CA THR A 385 20.58 -20.05 3.19
C THR A 385 20.89 -18.63 3.66
N PHE A 386 22.14 -18.20 3.52
CA PHE A 386 22.53 -16.86 3.96
C PHE A 386 21.76 -15.79 3.19
N TRP A 387 21.69 -15.92 1.87
CA TRP A 387 20.98 -14.93 1.06
C TRP A 387 19.48 -14.95 1.34
N SER A 388 18.91 -16.13 1.55
CA SER A 388 17.49 -16.22 1.90
C SER A 388 17.21 -15.51 3.22
N ILE A 389 18.06 -15.72 4.22
CA ILE A 389 17.89 -15.07 5.51
C ILE A 389 17.96 -13.56 5.34
N LEU A 390 18.96 -13.07 4.59
CA LEU A 390 19.11 -11.64 4.40
C LEU A 390 17.90 -11.05 3.66
N PHE A 391 17.42 -11.73 2.62
CA PHE A 391 16.29 -11.23 1.84
C PHE A 391 15.04 -11.15 2.69
N PHE A 392 14.76 -12.18 3.48
CA PHE A 392 13.55 -12.14 4.30
C PHE A 392 13.69 -11.12 5.43
N ILE A 393 14.90 -10.92 5.94
CA ILE A 393 15.12 -9.88 6.95
C ILE A 393 14.82 -8.50 6.36
N MET A 394 15.30 -8.23 5.14
CA MET A 394 15.03 -6.93 4.55
C MET A 394 13.55 -6.75 4.23
N LEU A 395 12.87 -7.84 3.83
CA LEU A 395 11.43 -7.75 3.62
C LEU A 395 10.71 -7.40 4.92
N LEU A 396 11.10 -8.05 6.03
CA LEU A 396 10.49 -7.74 7.31
C LEU A 396 10.74 -6.30 7.72
N LEU A 397 11.96 -5.79 7.52
CA LEU A 397 12.24 -4.41 7.86
C LEU A 397 11.40 -3.44 7.03
N LEU A 398 11.31 -3.69 5.72
CA LEU A 398 10.54 -2.81 4.85
C LEU A 398 9.07 -2.78 5.26
N GLY A 399 8.50 -3.94 5.58
CA GLY A 399 7.12 -3.96 6.04
C GLY A 399 6.93 -3.27 7.37
N LEU A 400 7.84 -3.53 8.32
CA LEU A 400 7.67 -3.03 9.68
C LEU A 400 7.75 -1.52 9.75
N ASP A 401 8.66 -0.90 8.97
CA ASP A 401 8.76 0.56 9.00
C ASP A 401 7.44 1.20 8.59
N SER A 402 6.88 0.75 7.46
CA SER A 402 5.62 1.31 6.98
C SER A 402 4.49 1.05 7.95
N GLN A 403 4.43 -0.16 8.52
CA GLN A 403 3.37 -0.46 9.49
C GLN A 403 3.47 0.47 10.69
N PHE A 404 4.68 0.69 11.21
CA PHE A 404 4.85 1.59 12.34
C PHE A 404 4.34 2.98 11.98
N VAL A 405 4.73 3.49 10.80
CA VAL A 405 4.35 4.85 10.43
C VAL A 405 2.84 4.98 10.35
N GLU A 406 2.18 4.04 9.66
CA GLU A 406 0.73 4.16 9.46
C GLU A 406 -0.04 4.00 10.77
N VAL A 407 0.36 3.03 11.60
CA VAL A 407 -0.35 2.83 12.86
C VAL A 407 -0.17 4.05 13.78
N GLU A 408 1.05 4.60 13.82
CA GLU A 408 1.28 5.79 14.62
C GLU A 408 0.45 6.96 14.12
N GLY A 409 0.35 7.12 12.80
CA GLY A 409 -0.47 8.19 12.25
C GLY A 409 -1.93 8.05 12.64
N GLN A 410 -2.48 6.83 12.51
CA GLN A 410 -3.87 6.61 12.86
C GLN A 410 -4.12 6.87 14.35
N ILE A 411 -3.23 6.39 15.22
CA ILE A 411 -3.41 6.59 16.65
C ILE A 411 -3.30 8.06 17.00
N THR A 412 -2.38 8.78 16.36
CA THR A 412 -2.25 10.21 16.64
C THR A 412 -3.49 10.97 16.21
N SER A 413 -4.06 10.62 15.05
CA SER A 413 -5.30 11.27 14.63
C SER A 413 -6.43 11.01 15.61
N LEU A 414 -6.60 9.74 16.01
CA LEU A 414 -7.68 9.41 16.94
C LEU A 414 -7.47 10.08 18.29
N VAL A 415 -6.23 10.25 18.72
CA VAL A 415 -5.96 10.97 19.97
C VAL A 415 -6.26 12.46 19.81
N ASP A 416 -5.90 13.04 18.67
CA ASP A 416 -6.20 14.43 18.41
C ASP A 416 -7.71 14.69 18.38
N LEU A 417 -8.50 13.66 18.05
CA LEU A 417 -9.95 13.82 18.11
C LEU A 417 -10.41 14.12 19.53
N TYR A 418 -9.88 13.38 20.52
CA TYR A 418 -10.24 13.57 21.92
C TYR A 418 -8.99 13.82 22.74
N PRO A 419 -8.68 15.08 23.16
CA PRO A 419 -7.41 15.38 23.79
C PRO A 419 -7.48 15.49 25.30
N SER A 420 -8.54 15.01 25.89
CA SER A 420 -8.64 14.98 27.35
C SER A 420 -8.77 13.57 27.89
N PHE A 421 -9.76 12.79 27.45
CA PHE A 421 -9.96 11.45 27.96
C PHE A 421 -8.88 10.50 27.44
N LEU A 422 -8.64 10.53 26.12
CA LEU A 422 -7.64 9.64 25.50
C LEU A 422 -6.29 10.37 25.44
N ARG A 423 -5.68 10.64 26.59
CA ARG A 423 -4.43 11.36 26.66
C ARG A 423 -3.75 11.06 28.00
N LYS A 424 -2.80 11.91 28.39
CA LYS A 424 -2.03 11.81 29.62
C LYS A 424 -1.41 10.43 29.83
N GLY A 425 -1.77 9.73 30.89
CA GLY A 425 -1.06 8.53 31.29
C GLY A 425 -1.61 7.22 30.76
N TYR A 426 -2.19 6.42 31.65
CA TYR A 426 -2.55 5.04 31.36
C TYR A 426 -3.72 4.90 30.40
N ARG A 427 -4.40 5.99 30.05
CA ARG A 427 -5.58 5.93 29.20
C ARG A 427 -5.24 5.89 27.72
N ARG A 428 -3.97 5.96 27.34
CA ARG A 428 -3.54 5.89 25.96
C ARG A 428 -2.92 4.54 25.58
N GLU A 429 -2.10 3.98 26.47
CA GLU A 429 -1.53 2.66 26.22
C GLU A 429 -2.62 1.60 26.17
N ILE A 430 -3.63 1.71 27.03
CA ILE A 430 -4.75 0.77 27.00
C ILE A 430 -5.49 0.87 25.67
N PHE A 431 -5.69 2.09 25.18
CA PHE A 431 -6.34 2.28 23.88
C PHE A 431 -5.51 1.65 22.76
N ILE A 432 -4.20 1.84 22.79
CA ILE A 432 -3.34 1.25 21.76
C ILE A 432 -3.42 -0.27 21.81
N ALA A 433 -3.38 -0.84 23.01
CA ALA A 433 -3.47 -2.29 23.16
C ALA A 433 -4.81 -2.81 22.65
N PHE A 434 -5.90 -2.09 22.95
CA PHE A 434 -7.22 -2.49 22.46
C PHE A 434 -7.27 -2.47 20.94
N VAL A 435 -6.71 -1.42 20.32
CA VAL A 435 -6.70 -1.33 18.86
C VAL A 435 -5.91 -2.49 18.27
N CYS A 436 -4.74 -2.78 18.84
CA CYS A 436 -3.92 -3.86 18.31
C CYS A 436 -4.61 -5.21 18.46
N SER A 437 -5.25 -5.45 19.61
CA SER A 437 -5.93 -6.73 19.83
C SER A 437 -7.11 -6.89 18.86
N ILE A 438 -7.88 -5.83 18.66
CA ILE A 438 -9.00 -5.91 17.73
C ILE A 438 -8.50 -6.16 16.31
N SER A 439 -7.43 -5.47 15.91
CA SER A 439 -6.87 -5.68 14.58
C SER A 439 -6.37 -7.10 14.39
N TYR A 440 -5.71 -7.66 15.41
CA TYR A 440 -5.24 -9.04 15.31
C TYR A 440 -6.40 -10.02 15.22
N LEU A 441 -7.45 -9.82 16.03
CA LEU A 441 -8.60 -10.71 15.99
C LEU A 441 -9.29 -10.64 14.63
N LEU A 442 -9.39 -9.45 14.05
CA LEU A 442 -9.99 -9.31 12.73
C LEU A 442 -9.12 -9.95 11.65
N GLY A 443 -7.79 -9.80 11.76
CA GLY A 443 -6.89 -10.39 10.80
C GLY A 443 -6.74 -11.89 10.94
N LEU A 444 -7.23 -12.47 12.03
CA LEU A 444 -7.25 -13.93 12.17
C LEU A 444 -8.07 -14.60 11.08
N THR A 445 -8.95 -13.87 10.41
CA THR A 445 -9.81 -14.46 9.38
C THR A 445 -9.04 -14.85 8.12
N MET A 446 -7.83 -14.32 7.94
CA MET A 446 -7.07 -14.52 6.71
C MET A 446 -6.00 -15.59 6.83
N VAL A 447 -5.92 -16.28 7.96
CA VAL A 447 -4.91 -17.30 8.16
C VAL A 447 -5.53 -18.69 8.32
N THR A 448 -6.78 -18.86 7.91
CA THR A 448 -7.41 -20.17 7.90
C THR A 448 -6.99 -20.90 6.62
N GLU A 449 -7.58 -22.07 6.37
CA GLU A 449 -7.25 -22.83 5.17
C GLU A 449 -7.79 -22.18 3.91
N GLY A 450 -8.68 -21.21 4.01
CA GLY A 450 -9.20 -20.51 2.86
C GLY A 450 -9.13 -19.01 3.00
N GLY A 451 -8.07 -18.52 3.66
CA GLY A 451 -7.90 -17.11 3.88
C GLY A 451 -7.30 -16.33 2.74
N MET A 452 -6.76 -17.01 1.73
CA MET A 452 -6.19 -16.31 0.58
C MET A 452 -7.27 -15.58 -0.21
N TYR A 453 -8.46 -16.17 -0.34
CA TYR A 453 -9.54 -15.51 -1.05
C TYR A 453 -9.99 -14.25 -0.30
N VAL A 454 -10.10 -14.34 1.03
CA VAL A 454 -10.46 -13.17 1.82
C VAL A 454 -9.39 -12.09 1.71
N PHE A 455 -8.12 -12.51 1.70
CA PHE A 455 -7.03 -11.55 1.55
C PHE A 455 -7.11 -10.85 0.20
N GLN A 456 -7.40 -11.60 -0.87
CA GLN A 456 -7.52 -10.99 -2.19
C GLN A 456 -8.70 -10.02 -2.25
N LEU A 457 -9.83 -10.40 -1.65
CA LEU A 457 -10.98 -9.49 -1.60
C LEU A 457 -10.64 -8.21 -0.85
N PHE A 458 -9.97 -8.34 0.29
CA PHE A 458 -9.54 -7.17 1.05
C PHE A 458 -8.59 -6.30 0.22
N ASP A 459 -7.64 -6.93 -0.46
CA ASP A 459 -6.67 -6.18 -1.24
C ASP A 459 -7.34 -5.40 -2.36
N TYR A 460 -8.30 -6.02 -3.04
CA TYR A 460 -8.96 -5.32 -4.15
C TYR A 460 -9.87 -4.21 -3.63
N TYR A 461 -10.72 -4.50 -2.64
CA TYR A 461 -11.80 -3.58 -2.30
C TYR A 461 -11.47 -2.62 -1.18
N ALA A 462 -10.79 -3.06 -0.13
CA ALA A 462 -10.49 -2.20 1.01
C ALA A 462 -9.16 -1.49 0.80
N ALA A 463 -9.16 -0.17 1.00
CA ALA A 463 -7.96 0.67 0.85
C ALA A 463 -7.35 0.54 -0.54
N SER A 464 -8.18 0.34 -1.55
CA SER A 464 -7.74 0.16 -2.92
C SER A 464 -8.95 0.17 -3.83
N GLY A 465 -8.75 0.63 -5.06
CA GLY A 465 -9.82 0.64 -6.05
C GLY A 465 -10.47 2.02 -6.15
N VAL A 466 -11.79 2.06 -5.99
CA VAL A 466 -12.54 3.30 -6.16
C VAL A 466 -12.62 4.13 -4.88
N CYS A 467 -12.40 3.51 -3.72
CA CYS A 467 -12.43 4.25 -2.47
C CYS A 467 -11.30 5.26 -2.37
N LEU A 468 -10.20 5.04 -3.10
CA LEU A 468 -9.12 6.02 -3.13
C LEU A 468 -9.41 7.11 -4.15
N LEU A 469 -9.98 6.75 -5.30
CA LEU A 469 -10.33 7.74 -6.31
C LEU A 469 -11.37 8.71 -5.78
N TRP A 470 -12.37 8.22 -5.06
CA TRP A 470 -13.40 9.07 -4.48
C TRP A 470 -12.80 10.14 -3.58
N VAL A 471 -11.96 9.72 -2.63
CA VAL A 471 -11.37 10.64 -1.67
C VAL A 471 -10.42 11.60 -2.35
N ALA A 472 -9.59 11.11 -3.28
CA ALA A 472 -8.66 12.00 -3.96
C ALA A 472 -9.39 13.04 -4.78
N PHE A 473 -10.44 12.63 -5.51
CA PHE A 473 -11.22 13.58 -6.28
C PHE A 473 -11.86 14.63 -5.39
N PHE A 474 -12.44 14.21 -4.27
CA PHE A 474 -13.08 15.19 -3.40
C PHE A 474 -12.06 16.16 -2.80
N GLU A 475 -10.91 15.65 -2.37
CA GLU A 475 -9.86 16.52 -1.83
C GLU A 475 -9.43 17.56 -2.87
N CYS A 476 -9.09 17.10 -4.07
CA CYS A 476 -8.60 18.02 -5.09
C CYS A 476 -9.67 19.02 -5.51
N PHE A 477 -10.92 18.55 -5.68
CA PHE A 477 -12.00 19.44 -6.07
C PHE A 477 -12.24 20.52 -5.01
N VAL A 478 -12.28 20.12 -3.73
CA VAL A 478 -12.50 21.10 -2.68
C VAL A 478 -11.38 22.13 -2.68
N ILE A 479 -10.13 21.65 -2.67
CA ILE A 479 -8.98 22.56 -2.59
C ILE A 479 -8.96 23.52 -3.78
N ALA A 480 -9.26 23.01 -4.98
CA ALA A 480 -9.18 23.85 -6.17
C ALA A 480 -10.32 24.84 -6.26
N TRP A 481 -11.55 24.42 -5.97
CA TRP A 481 -12.73 25.19 -6.33
C TRP A 481 -13.50 25.76 -5.15
N ILE A 482 -13.02 25.63 -3.92
CA ILE A 482 -13.73 26.26 -2.80
C ILE A 482 -12.77 27.13 -2.01
N TYR A 483 -11.68 26.54 -1.52
CA TYR A 483 -10.71 27.32 -0.77
C TYR A 483 -9.97 28.31 -1.67
N GLY A 484 -9.50 27.85 -2.81
CA GLY A 484 -8.80 28.71 -3.75
C GLY A 484 -7.37 28.28 -4.02
N GLY A 485 -7.11 27.87 -5.26
CA GLY A 485 -5.75 27.55 -5.65
C GLY A 485 -4.82 28.73 -5.54
N ASP A 486 -5.30 29.92 -5.89
CA ASP A 486 -4.48 31.12 -5.76
C ASP A 486 -4.15 31.42 -4.30
N ASN A 487 -5.13 31.26 -3.40
CA ASN A 487 -4.87 31.48 -1.99
C ASN A 487 -3.87 30.47 -1.44
N LEU A 488 -4.02 29.20 -1.83
CA LEU A 488 -3.06 28.19 -1.40
C LEU A 488 -1.67 28.48 -1.94
N TYR A 489 -1.58 28.96 -3.18
CA TYR A 489 -0.29 29.34 -3.75
C TYR A 489 0.32 30.51 -3.01
N ASP A 490 -0.50 31.48 -2.60
CA ASP A 490 0.01 32.59 -1.81
C ASP A 490 0.57 32.10 -0.48
N GLY A 491 -0.15 31.18 0.19
CA GLY A 491 0.37 30.63 1.42
C GLY A 491 1.66 29.84 1.23
N ILE A 492 1.74 29.07 0.15
CA ILE A 492 2.95 28.32 -0.14
C ILE A 492 4.12 29.25 -0.40
N GLU A 493 3.88 30.33 -1.16
CA GLU A 493 4.94 31.30 -1.41
C GLU A 493 5.37 31.97 -0.11
N ASP A 494 4.42 32.23 0.79
CA ASP A 494 4.76 32.84 2.07
C ASP A 494 5.64 31.90 2.89
N MET A 495 5.32 30.61 2.92
CA MET A 495 5.98 29.73 3.87
C MET A 495 7.29 29.14 3.32
N ILE A 496 7.31 28.73 2.04
CA ILE A 496 8.52 28.12 1.50
C ILE A 496 9.48 29.15 0.92
N GLY A 497 9.00 30.33 0.55
CA GLY A 497 9.88 31.37 0.08
C GLY A 497 9.68 31.83 -1.36
N TYR A 498 9.45 30.88 -2.27
CA TYR A 498 9.30 31.20 -3.68
C TYR A 498 8.02 30.58 -4.23
N ARG A 499 7.36 31.33 -5.10
CA ARG A 499 6.09 30.86 -5.67
C ARG A 499 6.34 29.76 -6.69
N PRO A 500 5.67 28.60 -6.56
CA PRO A 500 5.91 27.50 -7.52
C PRO A 500 5.33 27.78 -8.90
N GLY A 501 5.45 26.81 -9.80
CA GLY A 501 4.92 26.95 -11.14
C GLY A 501 3.46 26.55 -11.24
N PRO A 502 2.90 26.62 -12.45
CA PRO A 502 1.47 26.33 -12.63
C PRO A 502 1.13 24.85 -12.73
N TRP A 503 2.13 23.96 -12.70
CA TRP A 503 1.87 22.53 -12.83
C TRP A 503 0.98 22.03 -11.69
N MET A 504 1.30 22.43 -10.46
CA MET A 504 0.52 21.95 -9.32
C MET A 504 -0.92 22.44 -9.38
N LYS A 505 -1.11 23.72 -9.73
CA LYS A 505 -2.45 24.27 -9.84
C LYS A 505 -3.25 23.57 -10.92
N TYR A 506 -2.64 23.36 -12.10
CA TYR A 506 -3.35 22.69 -13.19
C TYR A 506 -3.71 21.26 -12.81
N SER A 507 -2.78 20.55 -12.16
CA SER A 507 -3.07 19.17 -11.76
C SER A 507 -4.19 19.11 -10.72
N TRP A 508 -4.19 20.06 -9.77
CA TRP A 508 -5.27 20.08 -8.78
C TRP A 508 -6.61 20.46 -9.40
N ALA A 509 -6.60 21.31 -10.44
CA ALA A 509 -7.84 21.84 -10.97
C ALA A 509 -8.48 20.95 -12.03
N VAL A 510 -7.73 20.58 -13.06
CA VAL A 510 -8.36 19.98 -14.24
C VAL A 510 -7.92 18.54 -14.46
N ILE A 511 -6.69 18.21 -14.09
CA ILE A 511 -6.13 16.92 -14.49
C ILE A 511 -6.58 15.80 -13.56
N THR A 512 -6.63 16.05 -12.25
CA THR A 512 -6.97 14.97 -11.33
C THR A 512 -8.46 14.63 -11.35
N PRO A 513 -9.39 15.58 -11.17
CA PRO A 513 -10.81 15.20 -11.18
C PRO A 513 -11.25 14.56 -12.50
N VAL A 514 -10.72 15.02 -13.62
CA VAL A 514 -11.10 14.45 -14.92
C VAL A 514 -10.67 12.98 -14.98
N LEU A 515 -9.43 12.70 -14.59
CA LEU A 515 -8.95 11.32 -14.60
C LEU A 515 -9.75 10.44 -13.65
N CYS A 516 -10.04 10.95 -12.45
CA CYS A 516 -10.79 10.16 -11.48
C CYS A 516 -12.19 9.84 -11.98
N VAL A 517 -12.91 10.84 -12.48
CA VAL A 517 -14.27 10.63 -12.97
C VAL A 517 -14.27 9.70 -14.18
N GLY A 518 -13.33 9.91 -15.11
CA GLY A 518 -13.26 9.05 -16.27
C GLY A 518 -13.00 7.60 -15.92
N CYS A 519 -12.04 7.36 -15.01
CA CYS A 519 -11.75 6.00 -14.59
C CYS A 519 -12.95 5.36 -13.89
N PHE A 520 -13.62 6.13 -13.02
CA PHE A 520 -14.79 5.60 -12.32
C PHE A 520 -15.87 5.19 -13.30
N ILE A 521 -16.22 6.07 -14.24
CA ILE A 521 -17.29 5.77 -15.18
C ILE A 521 -16.90 4.63 -16.12
N PHE A 522 -15.64 4.61 -16.57
CA PHE A 522 -15.18 3.54 -17.44
C PHE A 522 -15.25 2.19 -16.74
N SER A 523 -14.83 2.14 -15.47
CA SER A 523 -14.90 0.89 -14.72
C SER A 523 -16.35 0.46 -14.50
N LEU A 524 -17.24 1.41 -14.21
CA LEU A 524 -18.63 1.04 -13.93
C LEU A 524 -19.35 0.57 -15.19
N VAL A 525 -19.09 1.21 -16.33
CA VAL A 525 -19.81 0.88 -17.56
C VAL A 525 -19.43 -0.52 -18.03
N LYS A 526 -18.13 -0.81 -18.12
CA LYS A 526 -17.65 -2.12 -18.56
C LYS A 526 -17.27 -2.93 -17.32
N TYR A 527 -18.29 -3.44 -16.64
CA TYR A 527 -18.07 -4.20 -15.41
C TYR A 527 -17.44 -5.55 -15.72
N VAL A 528 -16.48 -5.95 -14.89
CA VAL A 528 -15.84 -7.25 -15.00
C VAL A 528 -15.67 -7.82 -13.59
N PRO A 529 -16.17 -9.02 -13.32
CA PRO A 529 -16.06 -9.56 -11.96
C PRO A 529 -14.64 -9.90 -11.59
N LEU A 530 -14.35 -9.85 -10.29
CA LEU A 530 -13.03 -10.21 -9.78
C LEU A 530 -12.87 -11.72 -9.71
N THR A 531 -11.68 -12.19 -10.09
CA THR A 531 -11.33 -13.60 -10.02
C THR A 531 -9.95 -13.73 -9.38
N TYR A 532 -9.72 -14.90 -8.78
CA TYR A 532 -8.43 -15.23 -8.18
C TYR A 532 -7.69 -16.19 -9.09
N ASN A 533 -6.48 -15.80 -9.52
CA ASN A 533 -5.67 -16.59 -10.45
C ASN A 533 -6.41 -16.86 -11.75
N LYS A 534 -7.27 -15.92 -12.16
CA LYS A 534 -8.02 -15.93 -13.42
C LYS A 534 -8.68 -17.27 -13.72
N THR A 535 -8.95 -18.06 -12.68
CA THR A 535 -9.69 -19.31 -12.83
C THR A 535 -10.84 -19.49 -11.86
N TYR A 536 -10.72 -18.99 -10.63
CA TYR A 536 -11.76 -19.17 -9.61
C TYR A 536 -12.69 -17.97 -9.61
N VAL A 537 -13.99 -18.25 -9.72
CA VAL A 537 -15.02 -17.20 -9.74
C VAL A 537 -15.66 -17.12 -8.37
N TYR A 538 -15.85 -15.89 -7.89
CA TYR A 538 -16.41 -15.68 -6.56
C TYR A 538 -17.93 -15.79 -6.58
N PRO A 539 -18.53 -16.18 -5.45
CA PRO A 539 -19.99 -16.15 -5.35
C PRO A 539 -20.49 -14.71 -5.25
N ASN A 540 -21.81 -14.57 -5.36
CA ASN A 540 -22.42 -13.25 -5.35
C ASN A 540 -22.24 -12.55 -4.01
N TRP A 541 -22.38 -13.30 -2.92
CA TRP A 541 -22.31 -12.67 -1.60
C TRP A 541 -20.91 -12.19 -1.27
N ALA A 542 -19.87 -12.83 -1.83
CA ALA A 542 -18.52 -12.32 -1.65
C ALA A 542 -18.34 -10.97 -2.32
N ILE A 543 -18.87 -10.81 -3.53
CA ILE A 543 -18.80 -9.52 -4.22
C ILE A 543 -19.61 -8.48 -3.46
N GLY A 544 -20.76 -8.88 -2.93
CA GLY A 544 -21.54 -7.96 -2.10
C GLY A 544 -20.79 -7.52 -0.86
N LEU A 545 -20.09 -8.44 -0.21
CA LEU A 545 -19.30 -8.09 0.97
C LEU A 545 -18.17 -7.14 0.61
N GLY A 546 -17.50 -7.38 -0.51
CA GLY A 546 -16.45 -6.46 -0.95
C GLY A 546 -16.98 -5.07 -1.25
N TRP A 547 -18.11 -5.01 -1.95
CA TRP A 547 -18.71 -3.71 -2.25
C TRP A 547 -19.17 -3.00 -0.98
N SER A 548 -19.65 -3.76 0.00
CA SER A 548 -19.99 -3.16 1.30
C SER A 548 -18.74 -2.62 1.99
N LEU A 549 -17.62 -3.36 1.90
CA LEU A 549 -16.36 -2.87 2.46
C LEU A 549 -15.95 -1.55 1.83
N ALA A 550 -16.08 -1.44 0.51
CA ALA A 550 -15.76 -0.18 -0.16
C ALA A 550 -16.73 0.93 0.23
N LEU A 551 -18.03 0.62 0.27
CA LEU A 551 -19.02 1.65 0.56
C LEU A 551 -18.94 2.13 2.00
N SER A 552 -18.45 1.30 2.92
CA SER A 552 -18.29 1.74 4.31
C SER A 552 -17.37 2.95 4.39
N SER A 553 -16.27 2.93 3.65
CA SER A 553 -15.40 4.10 3.59
C SER A 553 -15.97 5.19 2.69
N MET A 554 -16.62 4.81 1.60
CA MET A 554 -17.11 5.81 0.65
C MET A 554 -18.23 6.68 1.22
N LEU A 555 -19.03 6.14 2.12
CA LEU A 555 -20.27 6.80 2.55
C LEU A 555 -20.09 7.67 3.78
N CYS A 556 -18.91 8.26 3.97
CA CYS A 556 -18.68 9.11 5.13
C CYS A 556 -18.78 10.60 4.83
N VAL A 557 -18.68 11.00 3.56
CA VAL A 557 -18.77 12.43 3.20
C VAL A 557 -20.22 12.90 3.23
N PRO A 558 -21.16 12.25 2.52
CA PRO A 558 -22.56 12.71 2.60
C PRO A 558 -23.14 12.63 4.00
N LEU A 559 -22.72 11.65 4.80
CA LEU A 559 -23.22 11.55 6.17
C LEU A 559 -22.82 12.77 7.00
N VAL A 560 -21.55 13.16 6.90
CA VAL A 560 -21.08 14.34 7.62
C VAL A 560 -21.76 15.59 7.09
N ILE A 561 -21.96 15.67 5.78
CA ILE A 561 -22.62 16.83 5.20
C ILE A 561 -24.04 16.96 5.77
N VAL A 562 -24.78 15.85 5.80
CA VAL A 562 -26.15 15.88 6.30
C VAL A 562 -26.18 16.22 7.79
N ILE A 563 -25.27 15.63 8.56
CA ILE A 563 -25.25 15.88 10.01
C ILE A 563 -24.94 17.36 10.28
N ARG A 564 -23.97 17.92 9.56
CA ARG A 564 -23.63 19.33 9.75
C ARG A 564 -24.78 20.24 9.32
N LEU A 565 -25.49 19.86 8.25
CA LEU A 565 -26.60 20.68 7.79
C LEU A 565 -27.76 20.66 8.78
N CYS A 566 -28.05 19.50 9.37
CA CYS A 566 -29.14 19.41 10.35
C CYS A 566 -28.71 19.86 11.74
N GLN A 567 -27.42 20.06 11.99
CA GLN A 567 -26.96 20.54 13.28
C GLN A 567 -26.89 22.07 13.34
N THR A 568 -27.17 22.76 12.25
CA THR A 568 -27.13 24.21 12.19
C THR A 568 -28.53 24.75 11.94
N GLU A 569 -28.86 25.88 12.55
CA GLU A 569 -30.17 26.49 12.43
C GLU A 569 -30.13 27.63 11.42
N GLY A 570 -31.25 27.81 10.71
CA GLY A 570 -31.37 28.87 9.74
C GLY A 570 -31.76 28.36 8.37
N PRO A 571 -31.91 29.25 7.35
CA PRO A 571 -32.23 28.81 5.99
C PRO A 571 -31.12 27.94 5.40
N PHE A 572 -31.47 27.07 4.45
CA PHE A 572 -30.47 26.14 3.86
C PHE A 572 -29.29 26.93 3.28
N LEU A 573 -29.56 27.98 2.49
CA LEU A 573 -28.47 28.72 1.83
C LEU A 573 -27.57 29.36 2.90
N VAL A 574 -28.16 29.98 3.92
CA VAL A 574 -27.36 30.61 5.00
C VAL A 574 -26.49 29.54 5.65
N ARG A 575 -27.06 28.36 5.89
CA ARG A 575 -26.30 27.25 6.55
C ARG A 575 -25.12 26.85 5.67
N VAL A 576 -25.37 26.58 4.38
CA VAL A 576 -24.26 26.05 3.51
C VAL A 576 -23.18 27.13 3.40
N LYS A 577 -23.56 28.40 3.29
CA LYS A 577 -22.56 29.49 3.12
C LYS A 577 -21.67 29.54 4.36
N TYR A 578 -22.25 29.41 5.55
CA TYR A 578 -21.49 29.50 6.81
C TYR A 578 -20.59 28.27 6.97
N LEU A 579 -21.03 27.11 6.48
CA LEU A 579 -20.25 25.86 6.67
C LEU A 579 -19.20 25.71 5.57
N LEU A 580 -19.09 26.69 4.67
CA LEU A 580 -18.06 26.66 3.61
C LEU A 580 -16.91 27.60 3.99
N THR A 581 -17.15 28.49 4.97
CA THR A 581 -16.11 29.45 5.42
C THR A 581 -14.92 28.67 6.01
N PRO A 582 -13.68 28.91 5.56
CA PRO A 582 -12.53 28.14 6.02
C PRO A 582 -12.24 28.25 7.52
N ARG A 583 -12.12 29.48 8.03
CA ARG A 583 -11.74 29.64 9.46
C ARG A 583 -12.95 29.47 10.37
N GLU A 584 -13.46 28.24 10.49
CA GLU A 584 -14.58 27.98 11.42
C GLU A 584 -14.11 28.20 12.87
N PRO A 585 -12.99 27.58 13.32
CA PRO A 585 -12.46 27.85 14.66
C PRO A 585 -11.51 29.05 14.66
N ASN A 586 -11.14 29.54 15.85
CA ASN A 586 -10.22 30.71 15.96
C ASN A 586 -10.68 31.78 14.97
#